data_9BRM
#
_entry.id   9BRM
#
_cell.length_a   137.598
_cell.length_b   137.598
_cell.length_c   70.939
_cell.angle_alpha   90.000
_cell.angle_beta   90.000
_cell.angle_gamma   90.000
#
_symmetry.space_group_name_H-M   'P 41 21 2'
#
loop_
_entity.id
_entity.type
_entity.pdbx_description
1 polymer 'G protein-coupled receptor kinase 5'
2 non-polymer (3Z)-3-[(4-{[(2S)-2-hydroxy-2-(oxan-4-yl)ethyl]carbamoyl}-3,5-dimethyl-1H-pyrrol-2-yl)methylidene]-2-oxo-N-[(1R)-1-phenylethyl]-3,7-dihydro-2H-indole-5-carboxamide
3 water water
#
_entity_poly.entity_id   1
_entity_poly.type   'polypeptide(L)'
_entity_poly.pdbx_seq_one_letter_code
;MELENIVANTVLLKAREGGGGKRKGKSKKWKEILKFPHISQCEDLRRTIDRDYCSLCDKQPIGRLLFRQFCETRPGLECY
IQFLDSVAEYEVTPDEKLGEKGKEIMTKYLTPKSPVFIAQVGQDLVSQTEEKLLQKPCKELFSACAQSVHEYLRGEPFHE
YLDSMFFDRFLQWKWLERQPVTKNTFRQYRVLGKGGFGEVCACQVRATGKMYACKRLEKKRIKKRKGESMALNEKQILEK
VNSQFVVNLAYAYETKDALCLVLTIMNGGDLKFHIYNMGNPGFEEERALFYAAEILCGLEDLHRENTVYRNLKPENILLD
DYGHIRISDLGLAVKIPEGDLIRGRVGTVGYMAPEVLNNQRYGLSPDYWGLGCLIYEMIEGQSPFRGRKEKVKREEVDRR
VLETEEVYSHKFSEEAKSICKMLLTKDAKQRLGCQEEGAAEVKRHPFFRNMNFKRLEAGMLDPPFVPDPRAVYCKDVLDI
EQFSTVKGVNLDHTDDDFYSKFSTGSVSIPWQNEMIETECFKELNVFGPNGTLPPDLNRNHPPEPPKKGLLQRLFKRQHQ
NNSKSSPSSKTSFNHHINSNHVSSNSTGSSVDHHHHHH
;
_entity_poly.pdbx_strand_id   A
#
# COMPACT_ATOMS: atom_id res chain seq x y z
N GLY A 25 14.33 7.30 20.02
CA GLY A 25 15.25 6.40 19.35
C GLY A 25 16.06 7.08 18.26
N LYS A 26 15.81 8.38 18.08
CA LYS A 26 16.51 9.13 17.05
C LYS A 26 17.95 9.39 17.46
N SER A 27 18.89 9.02 16.61
CA SER A 27 20.31 9.21 16.89
C SER A 27 20.59 10.66 17.26
N LYS A 28 21.32 10.85 18.35
CA LYS A 28 21.82 12.17 18.70
C LYS A 28 22.39 12.85 17.46
N LYS A 29 22.02 14.11 17.27
CA LYS A 29 22.43 14.89 16.10
C LYS A 29 21.67 14.50 14.83
N TRP A 30 20.51 13.86 14.99
CA TRP A 30 19.69 13.55 13.82
C TRP A 30 19.29 14.83 13.10
N LYS A 31 19.20 15.94 13.82
CA LYS A 31 18.89 17.24 13.20
C LYS A 31 20.03 17.72 12.31
N GLU A 32 21.22 17.15 12.45
CA GLU A 32 22.32 17.43 11.55
C GLU A 32 22.32 16.51 10.34
N ILE A 33 22.03 15.21 10.54
CA ILE A 33 21.93 14.28 9.42
C ILE A 33 20.86 14.75 8.44
N LEU A 34 19.70 15.16 8.96
CA LEU A 34 18.61 15.64 8.14
C LEU A 34 18.59 17.17 8.06
N LYS A 35 19.72 17.82 8.25
CA LYS A 35 19.80 19.26 8.11
C LYS A 35 19.48 19.67 6.67
N PHE A 36 18.59 20.64 6.52
CA PHE A 36 18.22 21.08 5.19
C PHE A 36 19.47 21.59 4.47
N PRO A 37 19.65 21.23 3.19
CA PRO A 37 20.66 21.90 2.38
C PRO A 37 20.22 23.32 2.04
N HIS A 38 21.20 24.16 1.72
CA HIS A 38 20.86 25.51 1.28
C HIS A 38 20.18 25.44 -0.08
N ILE A 39 19.14 26.24 -0.27
CA ILE A 39 18.29 26.15 -1.46
C ILE A 39 19.11 26.26 -2.73
N SER A 40 20.31 26.84 -2.64
CA SER A 40 21.19 26.91 -3.81
C SER A 40 21.71 25.53 -4.21
N GLN A 41 21.66 24.55 -3.31
CA GLN A 41 22.12 23.21 -3.65
C GLN A 41 21.12 22.43 -4.50
N CYS A 42 19.89 22.92 -4.62
CA CYS A 42 18.82 22.17 -5.26
C CYS A 42 18.50 22.64 -6.68
N GLU A 43 19.36 23.45 -7.29
CA GLU A 43 19.03 24.00 -8.60
C GLU A 43 18.88 22.90 -9.64
N ASP A 44 19.75 21.90 -9.60
CA ASP A 44 19.62 20.78 -10.53
C ASP A 44 18.33 20.00 -10.28
N LEU A 45 17.89 19.94 -9.04
CA LEU A 45 16.59 19.32 -8.75
C LEU A 45 15.44 20.14 -9.34
N ARG A 46 15.52 21.47 -9.20
CA ARG A 46 14.45 22.33 -9.73
C ARG A 46 14.27 22.11 -11.22
N ARG A 47 15.36 22.04 -11.98
CA ARG A 47 15.28 21.98 -13.43
C ARG A 47 15.00 20.57 -13.95
N THR A 48 14.88 19.57 -13.08
CA THR A 48 14.64 18.19 -13.51
C THR A 48 13.33 17.59 -12.99
N ILE A 49 12.87 17.98 -11.80
CA ILE A 49 11.61 17.45 -11.30
C ILE A 49 10.48 17.85 -12.24
N ASP A 50 9.66 16.86 -12.63
CA ASP A 50 8.50 17.13 -13.44
C ASP A 50 7.41 17.76 -12.58
N ARG A 51 6.88 18.90 -13.02
CA ARG A 51 5.95 19.68 -12.24
C ARG A 51 4.51 19.19 -12.47
N ASP A 52 4.28 17.93 -12.09
CA ASP A 52 2.96 17.33 -12.14
C ASP A 52 2.22 17.63 -10.85
N TYR A 53 1.02 18.20 -10.98
CA TYR A 53 0.25 18.62 -9.80
C TYR A 53 -0.09 17.43 -8.91
N CYS A 54 -0.61 16.35 -9.50
CA CYS A 54 -1.02 15.20 -8.69
C CYS A 54 0.16 14.63 -7.92
N SER A 55 1.33 14.59 -8.54
CA SER A 55 2.51 14.05 -7.86
C SER A 55 3.02 15.01 -6.79
N LEU A 56 3.17 16.28 -7.14
CA LEU A 56 3.80 17.23 -6.23
C LEU A 56 2.89 17.69 -5.10
N CYS A 57 1.57 17.59 -5.28
CA CYS A 57 0.63 18.11 -4.30
C CYS A 57 -0.28 17.05 -3.69
N ASP A 58 -0.20 15.80 -4.13
CA ASP A 58 -1.08 14.77 -3.59
C ASP A 58 -0.36 13.44 -3.36
N LYS A 59 0.24 12.88 -4.41
CA LYS A 59 0.83 11.55 -4.27
C LYS A 59 1.97 11.58 -3.25
N GLN A 60 2.90 12.50 -3.41
CA GLN A 60 4.05 12.58 -2.50
C GLN A 60 3.64 13.17 -1.16
N PRO A 61 3.75 12.42 -0.07
CA PRO A 61 3.20 12.91 1.21
C PRO A 61 3.69 14.30 1.61
N ILE A 62 4.99 14.57 1.48
CA ILE A 62 5.52 15.85 1.95
C ILE A 62 5.13 16.96 0.98
N GLY A 63 5.04 16.65 -0.31
CA GLY A 63 4.55 17.64 -1.25
C GLY A 63 3.11 18.03 -0.95
N ARG A 64 2.27 17.02 -0.69
CA ARG A 64 0.89 17.31 -0.31
C ARG A 64 0.82 18.24 0.89
N LEU A 65 1.60 17.96 1.92
CA LEU A 65 1.56 18.81 3.11
C LEU A 65 2.04 20.22 2.79
N LEU A 66 3.16 20.35 2.07
CA LEU A 66 3.70 21.68 1.80
C LEU A 66 2.74 22.49 0.94
N PHE A 67 2.11 21.86 -0.05
CA PHE A 67 1.11 22.58 -0.83
C PHE A 67 -0.08 22.96 0.05
N ARG A 68 -0.53 22.05 0.91
CA ARG A 68 -1.59 22.40 1.84
C ARG A 68 -1.16 23.55 2.74
N GLN A 69 0.11 23.55 3.16
CA GLN A 69 0.60 24.63 3.99
C GLN A 69 0.68 25.94 3.22
N PHE A 70 0.96 25.87 1.91
CA PHE A 70 0.96 27.08 1.10
C PHE A 70 -0.45 27.69 1.04
N CYS A 71 -1.46 26.85 0.84
CA CYS A 71 -2.84 27.35 0.84
C CYS A 71 -3.25 27.88 2.20
N GLU A 72 -2.60 27.44 3.29
CA GLU A 72 -2.93 27.93 4.62
C GLU A 72 -2.60 29.40 4.79
N THR A 73 -1.73 29.95 3.93
CA THR A 73 -1.42 31.37 4.00
C THR A 73 -2.48 32.21 3.30
N ARG A 74 -2.80 31.87 2.06
CA ARG A 74 -3.80 32.62 1.31
C ARG A 74 -5.17 32.46 1.96
N PRO A 75 -5.92 33.55 2.15
CA PRO A 75 -7.30 33.38 2.63
C PRO A 75 -8.22 32.79 1.57
N GLY A 76 -7.96 33.10 0.30
CA GLY A 76 -8.82 32.59 -0.76
C GLY A 76 -8.66 31.11 -1.03
N LEU A 77 -7.45 30.57 -0.80
CA LEU A 77 -7.21 29.15 -1.02
C LEU A 77 -7.53 28.30 0.19
N GLU A 78 -7.48 28.89 1.40
CA GLU A 78 -7.70 28.13 2.62
C GLU A 78 -9.01 27.37 2.56
N CYS A 79 -10.06 28.00 2.02
CA CYS A 79 -11.38 27.38 2.03
C CYS A 79 -11.40 26.08 1.21
N TYR A 80 -10.65 26.02 0.12
CA TYR A 80 -10.73 24.86 -0.76
C TYR A 80 -10.11 23.63 -0.13
N ILE A 81 -9.13 23.81 0.76
CA ILE A 81 -8.52 22.67 1.44
C ILE A 81 -9.47 22.11 2.49
N GLN A 82 -10.14 22.99 3.23
CA GLN A 82 -11.07 22.54 4.26
C GLN A 82 -12.22 21.74 3.63
N PHE A 83 -12.65 22.13 2.44
CA PHE A 83 -13.74 21.43 1.78
C PHE A 83 -13.34 20.01 1.40
N LEU A 84 -12.17 19.86 0.78
CA LEU A 84 -11.70 18.53 0.41
C LEU A 84 -11.56 17.64 1.63
N ASP A 85 -11.08 18.19 2.75
CA ASP A 85 -11.03 17.42 3.99
C ASP A 85 -12.41 16.94 4.40
N SER A 86 -13.43 17.82 4.31
CA SER A 86 -14.78 17.44 4.70
C SER A 86 -15.38 16.44 3.72
N VAL A 87 -15.00 16.50 2.45
CA VAL A 87 -15.47 15.49 1.50
C VAL A 87 -14.84 14.14 1.81
N ALA A 88 -13.56 14.14 2.17
CA ALA A 88 -12.92 12.89 2.57
C ALA A 88 -13.61 12.29 3.79
N GLU A 89 -14.06 13.13 4.73
CA GLU A 89 -14.81 12.64 5.87
C GLU A 89 -16.20 12.15 5.47
N TYR A 90 -16.80 12.77 4.45
CA TYR A 90 -18.11 12.32 3.97
C TYR A 90 -18.02 10.95 3.31
N GLU A 91 -16.95 10.70 2.55
CA GLU A 91 -16.82 9.42 1.85
C GLU A 91 -16.86 8.25 2.81
N VAL A 92 -16.34 8.40 4.01
CA VAL A 92 -16.22 7.31 4.96
C VAL A 92 -17.26 7.41 6.07
N THR A 93 -18.20 8.34 5.97
CA THR A 93 -19.24 8.46 6.98
C THR A 93 -20.19 7.27 6.89
N PRO A 94 -20.68 6.77 8.02
CA PRO A 94 -21.70 5.70 7.97
C PRO A 94 -22.93 6.12 7.19
N ASP A 95 -23.53 5.17 6.49
CA ASP A 95 -24.63 5.50 5.59
C ASP A 95 -25.79 6.15 6.33
N GLU A 96 -25.98 5.83 7.60
CA GLU A 96 -27.07 6.43 8.34
C GLU A 96 -26.83 7.90 8.69
N LYS A 97 -25.61 8.41 8.43
CA LYS A 97 -25.28 9.78 8.79
C LYS A 97 -24.75 10.56 7.59
N LEU A 98 -25.12 10.16 6.38
CA LEU A 98 -24.67 10.90 5.21
C LEU A 98 -25.47 12.18 5.01
N GLY A 99 -26.81 12.10 5.08
CA GLY A 99 -27.62 13.29 4.99
C GLY A 99 -27.25 14.32 6.04
N GLU A 100 -26.94 13.86 7.25
CA GLU A 100 -26.50 14.76 8.30
C GLU A 100 -25.19 15.45 7.92
N LYS A 101 -24.15 14.66 7.64
CA LYS A 101 -22.88 15.23 7.24
C LYS A 101 -23.02 16.02 5.94
N GLY A 102 -23.78 15.49 4.98
CA GLY A 102 -23.93 16.17 3.71
C GLY A 102 -24.49 17.57 3.84
N LYS A 103 -25.58 17.73 4.59
CA LYS A 103 -26.16 19.05 4.79
C LYS A 103 -25.15 19.99 5.43
N GLU A 104 -24.32 19.48 6.33
CA GLU A 104 -23.31 20.31 6.98
C GLU A 104 -22.34 20.91 5.97
N ILE A 105 -21.94 20.11 4.96
CA ILE A 105 -20.99 20.62 3.98
C ILE A 105 -21.63 21.69 3.11
N MET A 106 -22.93 21.53 2.82
CA MET A 106 -23.63 22.56 2.05
C MET A 106 -23.65 23.89 2.79
N THR A 107 -24.25 23.90 3.98
CA THR A 107 -24.41 25.13 4.75
C THR A 107 -23.10 25.71 5.25
N LYS A 108 -21.96 25.12 4.88
CA LYS A 108 -20.67 25.65 5.27
C LYS A 108 -19.80 26.07 4.10
N TYR A 109 -19.78 25.29 3.02
CA TYR A 109 -18.92 25.58 1.88
C TYR A 109 -19.66 25.97 0.62
N LEU A 110 -20.88 25.47 0.41
CA LEU A 110 -21.60 25.67 -0.84
C LEU A 110 -22.70 26.71 -0.74
N THR A 111 -22.81 27.42 0.38
CA THR A 111 -23.75 28.53 0.47
C THR A 111 -23.03 29.83 0.09
N PRO A 112 -23.56 30.61 -0.85
CA PRO A 112 -22.84 31.82 -1.27
C PRO A 112 -22.63 32.83 -0.16
N LYS A 113 -23.38 32.73 0.94
CA LYS A 113 -23.24 33.67 2.04
C LYS A 113 -22.23 33.22 3.09
N SER A 114 -21.73 31.98 3.01
CA SER A 114 -20.81 31.48 4.02
C SER A 114 -19.53 32.33 4.03
N PRO A 115 -18.84 32.40 5.17
CA PRO A 115 -17.54 33.09 5.18
C PRO A 115 -16.48 32.30 4.43
N VAL A 116 -16.63 30.98 4.35
CA VAL A 116 -15.69 30.08 3.70
C VAL A 116 -16.46 29.33 2.63
N PHE A 117 -16.70 30.00 1.50
CA PHE A 117 -17.52 29.48 0.41
C PHE A 117 -16.65 29.19 -0.81
N ILE A 118 -16.96 28.09 -1.49
CA ILE A 118 -16.22 27.67 -2.67
C ILE A 118 -16.78 28.44 -3.87
N ALA A 119 -15.97 29.32 -4.45
CA ALA A 119 -16.45 30.16 -5.53
C ALA A 119 -16.20 29.59 -6.91
N GLN A 120 -15.25 28.66 -7.04
CA GLN A 120 -14.89 28.16 -8.36
C GLN A 120 -15.81 27.05 -8.84
N VAL A 121 -16.52 26.37 -7.94
CA VAL A 121 -17.61 25.50 -8.34
C VAL A 121 -18.79 26.39 -8.68
N GLY A 122 -19.08 26.52 -9.97
CA GLY A 122 -20.08 27.46 -10.42
C GLY A 122 -21.41 27.25 -9.74
N GLN A 123 -22.20 28.33 -9.69
CA GLN A 123 -23.57 28.17 -9.26
C GLN A 123 -24.24 27.10 -10.11
N ASP A 124 -23.89 26.88 -11.33
CA ASP A 124 -24.57 25.77 -11.98
C ASP A 124 -24.07 24.39 -11.52
N LEU A 125 -23.19 24.33 -10.54
CA LEU A 125 -22.76 23.09 -9.90
C LEU A 125 -23.30 22.96 -8.48
N VAL A 126 -23.41 24.06 -7.74
CA VAL A 126 -24.01 24.03 -6.41
C VAL A 126 -25.47 23.62 -6.51
N SER A 127 -26.20 24.20 -7.47
CA SER A 127 -27.62 23.89 -7.61
C SER A 127 -27.84 22.43 -7.98
N GLN A 128 -26.86 21.79 -8.61
CA GLN A 128 -27.01 20.38 -8.95
C GLN A 128 -26.85 19.50 -7.71
N THR A 129 -25.75 19.68 -6.98
CA THR A 129 -25.50 18.85 -5.80
C THR A 129 -26.55 19.08 -4.73
N GLU A 130 -27.18 20.26 -4.72
CA GLU A 130 -28.29 20.49 -3.79
C GLU A 130 -29.46 19.56 -4.07
N GLU A 131 -29.50 18.95 -5.26
CA GLU A 131 -30.59 18.04 -5.59
C GLU A 131 -30.32 16.64 -5.07
N LYS A 132 -29.07 16.16 -5.19
CA LYS A 132 -28.74 14.84 -4.67
C LYS A 132 -29.05 14.75 -3.18
N LEU A 133 -28.94 15.86 -2.44
CA LEU A 133 -29.33 15.86 -1.04
C LEU A 133 -30.85 15.94 -0.86
N LEU A 134 -31.58 16.37 -1.89
CA LEU A 134 -33.03 16.27 -1.87
C LEU A 134 -33.53 14.85 -2.10
N GLN A 135 -32.61 13.88 -2.21
CA GLN A 135 -32.96 12.47 -2.31
C GLN A 135 -31.97 11.68 -1.45
N LYS A 136 -32.20 10.36 -1.35
CA LYS A 136 -31.28 9.46 -0.66
C LYS A 136 -29.83 9.81 -0.99
N PRO A 137 -28.96 9.92 0.01
CA PRO A 137 -27.59 10.36 -0.27
C PRO A 137 -26.69 9.22 -0.70
N CYS A 138 -25.75 9.55 -1.58
CA CYS A 138 -24.69 8.65 -2.01
C CYS A 138 -23.36 9.14 -1.46
N LYS A 139 -22.44 8.20 -1.21
CA LYS A 139 -21.16 8.57 -0.60
C LYS A 139 -20.22 9.27 -1.56
N GLU A 140 -20.60 9.43 -2.82
CA GLU A 140 -19.82 10.20 -3.80
C GLU A 140 -20.55 11.46 -4.23
N LEU A 141 -21.47 11.96 -3.41
CA LEU A 141 -22.30 13.10 -3.78
C LEU A 141 -21.47 14.33 -4.10
N PHE A 142 -20.28 14.45 -3.51
CA PHE A 142 -19.46 15.63 -3.67
C PHE A 142 -18.30 15.41 -4.65
N SER A 143 -18.26 14.26 -5.33
CA SER A 143 -17.15 13.99 -6.24
C SER A 143 -17.09 15.03 -7.36
N ALA A 144 -18.23 15.50 -7.83
CA ALA A 144 -18.23 16.50 -8.90
C ALA A 144 -17.58 17.80 -8.44
N CYS A 145 -17.91 18.25 -7.22
CA CYS A 145 -17.35 19.49 -6.72
C CYS A 145 -15.86 19.33 -6.40
N ALA A 146 -15.50 18.24 -5.74
CA ALA A 146 -14.09 18.02 -5.41
C ALA A 146 -13.22 18.05 -6.67
N GLN A 147 -13.67 17.39 -7.74
CA GLN A 147 -12.92 17.42 -8.99
C GLN A 147 -12.87 18.84 -9.57
N SER A 148 -14.01 19.54 -9.57
CA SER A 148 -14.01 20.94 -9.97
C SER A 148 -13.00 21.73 -9.16
N VAL A 149 -12.96 21.51 -7.83
CA VAL A 149 -12.02 22.23 -6.99
C VAL A 149 -10.59 21.91 -7.39
N HIS A 150 -10.29 20.63 -7.62
CA HIS A 150 -8.94 20.25 -7.99
C HIS A 150 -8.51 20.91 -9.30
N GLU A 151 -9.43 21.00 -10.27
CA GLU A 151 -9.10 21.64 -11.54
C GLU A 151 -8.79 23.12 -11.36
N TYR A 152 -9.36 23.75 -10.33
CA TYR A 152 -8.99 25.13 -10.04
C TYR A 152 -7.58 25.21 -9.46
N LEU A 153 -7.30 24.38 -8.44
CA LEU A 153 -5.97 24.38 -7.83
C LEU A 153 -4.92 23.88 -8.81
N ARG A 154 -5.32 23.07 -9.79
CA ARG A 154 -4.37 22.56 -10.77
C ARG A 154 -3.74 23.66 -11.59
N GLY A 155 -4.39 24.83 -11.65
CA GLY A 155 -3.88 25.92 -12.45
C GLY A 155 -3.17 27.00 -11.66
N GLU A 156 -3.87 28.09 -11.36
CA GLU A 156 -3.21 29.25 -10.79
C GLU A 156 -2.60 28.97 -9.42
N PRO A 157 -3.32 28.39 -8.46
CA PRO A 157 -2.69 28.18 -7.13
C PRO A 157 -1.47 27.28 -7.21
N PHE A 158 -1.51 26.24 -8.03
CA PHE A 158 -0.39 25.31 -8.12
C PHE A 158 0.85 26.02 -8.66
N HIS A 159 0.68 26.81 -9.72
CA HIS A 159 1.83 27.49 -10.32
C HIS A 159 2.36 28.59 -9.41
N GLU A 160 1.51 29.14 -8.54
CA GLU A 160 2.00 30.10 -7.55
C GLU A 160 2.76 29.39 -6.43
N TYR A 161 2.31 28.19 -6.05
CA TYR A 161 3.06 27.40 -5.09
C TYR A 161 4.44 27.02 -5.61
N LEU A 162 4.56 26.81 -6.93
CA LEU A 162 5.87 26.49 -7.50
C LEU A 162 6.86 27.62 -7.33
N ASP A 163 6.40 28.86 -7.43
CA ASP A 163 7.20 30.04 -7.11
C ASP A 163 6.94 30.49 -5.68
N SER A 164 7.02 29.58 -4.72
CA SER A 164 6.80 29.92 -3.32
C SER A 164 7.89 29.28 -2.48
N MET A 165 8.10 29.84 -1.27
CA MET A 165 9.10 29.29 -0.37
C MET A 165 8.79 27.85 0.03
N PHE A 166 7.55 27.41 -0.13
CA PHE A 166 7.19 26.06 0.28
C PHE A 166 7.64 25.03 -0.75
N PHE A 167 7.62 25.40 -2.04
CA PHE A 167 8.17 24.47 -3.04
C PHE A 167 9.69 24.42 -2.96
N ASP A 168 10.33 25.55 -2.64
CA ASP A 168 11.76 25.51 -2.36
C ASP A 168 12.04 24.58 -1.20
N ARG A 169 11.19 24.60 -0.18
CA ARG A 169 11.36 23.70 0.95
C ARG A 169 11.14 22.26 0.53
N PHE A 170 10.18 22.03 -0.37
CA PHE A 170 9.97 20.68 -0.91
C PHE A 170 11.24 20.16 -1.56
N LEU A 171 11.92 21.01 -2.33
CA LEU A 171 13.16 20.61 -2.97
C LEU A 171 14.19 20.20 -1.94
N GLN A 172 14.30 20.95 -0.84
CA GLN A 172 15.21 20.57 0.22
C GLN A 172 14.90 19.16 0.73
N TRP A 173 13.62 18.85 0.91
CA TRP A 173 13.25 17.50 1.34
C TRP A 173 13.58 16.47 0.25
N LYS A 174 13.41 16.83 -1.01
CA LYS A 174 13.80 15.92 -2.08
C LYS A 174 15.31 15.69 -2.09
N TRP A 175 16.09 16.75 -1.89
CA TRP A 175 17.54 16.61 -1.79
C TRP A 175 17.92 15.59 -0.72
N LEU A 176 17.32 15.68 0.46
CA LEU A 176 17.58 14.70 1.49
C LEU A 176 17.12 13.31 1.06
N GLU A 177 15.95 13.24 0.42
CA GLU A 177 15.41 11.96 -0.01
C GLU A 177 16.40 11.21 -0.91
N ARG A 178 17.19 11.94 -1.69
CA ARG A 178 18.09 11.32 -2.66
C ARG A 178 19.49 11.05 -2.10
N GLN A 179 19.76 11.42 -0.87
CA GLN A 179 21.07 11.18 -0.30
C GLN A 179 21.41 9.69 -0.36
N PRO A 180 22.69 9.35 -0.47
CA PRO A 180 23.06 7.94 -0.57
C PRO A 180 22.72 7.20 0.72
N VAL A 181 22.17 6.01 0.56
CA VAL A 181 21.89 5.13 1.67
C VAL A 181 22.91 4.01 1.67
N THR A 182 23.54 3.78 2.82
CA THR A 182 24.45 2.66 3.00
C THR A 182 24.05 1.94 4.29
N LYS A 183 24.88 1.00 4.76
CA LYS A 183 24.58 0.41 6.06
C LYS A 183 24.60 1.49 7.13
N ASN A 184 25.53 2.45 7.01
CA ASN A 184 25.63 3.53 8.00
C ASN A 184 24.26 4.07 8.35
N THR A 185 23.35 4.09 7.37
CA THR A 185 22.03 4.67 7.57
C THR A 185 21.20 3.88 8.57
N PHE A 186 21.48 2.60 8.73
CA PHE A 186 20.63 1.72 9.53
C PHE A 186 21.38 1.13 10.72
N ARG A 187 20.62 0.43 11.57
CA ARG A 187 21.09 -0.13 12.83
C ARG A 187 20.46 -1.52 12.94
N GLN A 188 21.18 -2.54 12.50
CA GLN A 188 20.62 -3.88 12.43
C GLN A 188 20.35 -4.44 13.83
N TYR A 189 19.28 -5.21 13.95
CA TYR A 189 18.92 -5.84 15.21
C TYR A 189 18.74 -7.33 14.95
N ARG A 190 18.02 -8.01 15.83
CA ARG A 190 17.87 -9.47 15.79
C ARG A 190 17.41 -9.98 14.42
N VAL A 191 17.63 -11.26 14.16
CA VAL A 191 17.17 -11.90 12.93
C VAL A 191 15.70 -12.29 13.13
N LEU A 192 14.81 -11.70 12.33
CA LEU A 192 13.37 -11.93 12.46
C LEU A 192 12.87 -12.95 11.44
N GLY A 193 13.59 -14.06 11.31
CA GLY A 193 13.20 -15.13 10.41
C GLY A 193 14.13 -15.21 9.21
N LYS A 194 13.87 -16.23 8.39
CA LYS A 194 14.65 -16.46 7.18
C LYS A 194 13.76 -17.11 6.13
N GLY A 195 14.30 -17.22 4.92
CA GLY A 195 13.59 -17.85 3.83
C GLY A 195 14.47 -18.77 3.00
N GLY A 196 14.35 -18.67 1.67
CA GLY A 196 15.12 -19.49 0.77
C GLY A 196 16.30 -18.82 0.12
N PHE A 197 16.52 -17.53 0.39
CA PHE A 197 17.66 -16.82 -0.17
C PHE A 197 18.28 -15.83 0.81
N GLY A 198 17.98 -15.95 2.09
CA GLY A 198 18.60 -15.08 3.08
C GLY A 198 17.80 -15.06 4.36
N GLU A 199 18.06 -14.03 5.17
CA GLU A 199 17.42 -13.86 6.46
C GLU A 199 16.62 -12.55 6.47
N VAL A 200 16.08 -12.21 7.64
CA VAL A 200 15.36 -10.97 7.88
C VAL A 200 15.94 -10.36 9.15
N CYS A 201 15.79 -9.04 9.27
CA CYS A 201 16.34 -8.32 10.40
C CYS A 201 15.31 -7.33 10.92
N ALA A 202 15.68 -6.61 11.97
CA ALA A 202 14.89 -5.51 12.50
C ALA A 202 15.67 -4.22 12.27
N CYS A 203 15.74 -3.82 11.00
CA CYS A 203 16.33 -2.55 10.64
C CYS A 203 15.87 -1.46 11.59
N GLN A 204 16.68 -0.41 11.78
CA GLN A 204 16.19 0.84 12.33
C GLN A 204 17.00 1.96 11.69
N VAL A 205 16.31 3.00 11.24
CA VAL A 205 16.98 4.18 10.73
C VAL A 205 17.52 4.97 11.92
N ARG A 206 18.83 5.18 11.95
CA ARG A 206 19.43 5.91 13.06
C ARG A 206 18.86 7.32 13.19
N ALA A 207 18.64 7.99 12.05
CA ALA A 207 18.24 9.39 12.10
C ALA A 207 16.80 9.55 12.58
N THR A 208 15.91 8.66 12.16
CA THR A 208 14.49 8.77 12.47
C THR A 208 14.02 7.80 13.53
N GLY A 209 14.69 6.65 13.67
CA GLY A 209 14.30 5.65 14.64
C GLY A 209 13.17 4.76 14.23
N LYS A 210 12.78 4.76 12.97
CA LYS A 210 11.69 3.91 12.50
C LYS A 210 12.19 2.50 12.29
N MET A 211 11.46 1.52 12.84
CA MET A 211 11.80 0.12 12.66
C MET A 211 11.37 -0.37 11.27
N TYR A 212 12.12 -1.32 10.74
CA TYR A 212 11.87 -1.91 9.44
C TYR A 212 12.24 -3.39 9.48
N ALA A 213 12.14 -4.06 8.34
CA ALA A 213 12.51 -5.45 8.21
C ALA A 213 13.42 -5.59 7.01
N CYS A 214 14.61 -6.12 7.22
CA CYS A 214 15.52 -6.36 6.11
C CYS A 214 15.13 -7.63 5.36
N LYS A 215 15.70 -7.81 4.17
CA LYS A 215 15.66 -9.07 3.44
C LYS A 215 17.04 -9.19 2.81
N ARG A 216 18.01 -9.67 3.60
CA ARG A 216 19.37 -9.80 3.10
C ARG A 216 19.43 -10.89 2.03
N LEU A 217 20.16 -10.58 0.94
CA LEU A 217 20.32 -11.49 -0.19
C LEU A 217 21.81 -11.56 -0.48
N GLU A 218 22.49 -12.53 0.15
CA GLU A 218 23.93 -12.66 -0.01
C GLU A 218 24.32 -12.75 -1.48
N LYS A 219 25.28 -11.93 -1.89
CA LYS A 219 25.68 -11.91 -3.30
C LYS A 219 26.19 -13.26 -3.75
N LYS A 220 26.93 -13.96 -2.88
CA LYS A 220 27.48 -15.26 -3.24
C LYS A 220 26.38 -16.20 -3.70
N ARG A 221 25.27 -16.26 -2.96
CA ARG A 221 24.24 -17.25 -3.26
C ARG A 221 23.47 -16.90 -4.53
N ILE A 222 23.27 -15.61 -4.79
CA ILE A 222 22.47 -15.22 -5.96
C ILE A 222 23.28 -15.37 -7.23
N LYS A 223 24.59 -15.06 -7.18
CA LYS A 223 25.41 -15.24 -8.38
C LYS A 223 25.56 -16.72 -8.72
N LYS A 224 25.81 -17.55 -7.71
CA LYS A 224 25.94 -18.99 -7.94
C LYS A 224 24.70 -19.56 -8.59
N ARG A 225 23.53 -19.19 -8.09
CA ARG A 225 22.28 -19.71 -8.64
C ARG A 225 21.86 -19.02 -9.93
N LYS A 226 22.49 -17.91 -10.30
CA LYS A 226 22.10 -17.15 -11.49
C LYS A 226 20.62 -16.78 -11.39
N GLY A 227 20.31 -16.01 -10.35
CA GLY A 227 18.96 -15.55 -10.11
C GLY A 227 18.88 -14.05 -9.95
N GLU A 228 19.87 -13.35 -10.51
CA GLU A 228 19.90 -11.90 -10.40
C GLU A 228 18.62 -11.28 -10.93
N SER A 229 18.07 -11.84 -12.01
CA SER A 229 16.84 -11.30 -12.59
C SER A 229 15.68 -11.37 -11.60
N MET A 230 15.60 -12.45 -10.82
CA MET A 230 14.52 -12.58 -9.86
C MET A 230 14.72 -11.65 -8.67
N ALA A 231 15.96 -11.32 -8.33
CA ALA A 231 16.21 -10.39 -7.24
C ALA A 231 15.74 -8.98 -7.61
N LEU A 232 16.11 -8.52 -8.81
CA LEU A 232 15.66 -7.20 -9.26
C LEU A 232 14.17 -7.21 -9.56
N ASN A 233 13.65 -8.30 -10.10
CA ASN A 233 12.23 -8.39 -10.36
C ASN A 233 11.43 -8.14 -9.09
N GLU A 234 11.83 -8.75 -7.99
CA GLU A 234 11.10 -8.56 -6.73
C GLU A 234 11.27 -7.15 -6.21
N LYS A 235 12.49 -6.62 -6.24
CA LYS A 235 12.72 -5.27 -5.71
C LYS A 235 11.93 -4.23 -6.48
N GLN A 236 11.75 -4.43 -7.79
CA GLN A 236 11.03 -3.44 -8.59
C GLN A 236 9.52 -3.57 -8.44
N ILE A 237 9.02 -4.77 -8.17
CA ILE A 237 7.60 -4.93 -7.86
C ILE A 237 7.30 -4.31 -6.49
N LEU A 238 8.16 -4.58 -5.50
CA LEU A 238 7.95 -4.01 -4.17
C LEU A 238 8.04 -2.49 -4.19
N GLU A 239 8.83 -1.93 -5.11
CA GLU A 239 9.02 -0.49 -5.18
C GLU A 239 7.86 0.22 -5.85
N LYS A 240 7.17 -0.46 -6.78
CA LYS A 240 6.08 0.15 -7.52
C LYS A 240 4.74 0.03 -6.80
N VAL A 241 4.58 -0.96 -5.94
CA VAL A 241 3.34 -1.12 -5.18
C VAL A 241 3.38 -0.15 -4.00
N ASN A 242 2.28 0.54 -3.77
CA ASN A 242 2.14 1.46 -2.65
C ASN A 242 0.81 1.18 -1.95
N SER A 243 0.65 -0.05 -1.48
CA SER A 243 -0.58 -0.50 -0.85
C SER A 243 -0.45 -0.50 0.66
N GLN A 244 -1.57 -0.24 1.34
CA GLN A 244 -1.63 -0.44 2.78
C GLN A 244 -1.67 -1.91 3.15
N PHE A 245 -1.88 -2.81 2.17
CA PHE A 245 -2.12 -4.23 2.43
C PHE A 245 -1.10 -5.13 1.72
N VAL A 246 0.00 -4.54 1.26
CA VAL A 246 1.13 -5.29 0.75
C VAL A 246 2.40 -4.69 1.37
N VAL A 247 3.37 -5.54 1.71
CA VAL A 247 4.62 -5.04 2.26
C VAL A 247 5.24 -4.07 1.26
N ASN A 248 5.62 -2.90 1.75
CA ASN A 248 6.18 -1.85 0.90
C ASN A 248 7.69 -1.79 1.03
N LEU A 249 8.33 -1.29 -0.02
CA LEU A 249 9.78 -1.11 -0.04
C LEU A 249 10.12 0.33 0.31
N ALA A 250 10.97 0.51 1.32
CA ALA A 250 11.44 1.82 1.73
C ALA A 250 12.85 2.12 1.24
N TYR A 251 13.76 1.15 1.33
CA TYR A 251 15.13 1.34 0.90
C TYR A 251 15.63 0.09 0.20
N ALA A 252 16.56 0.29 -0.73
CA ALA A 252 17.23 -0.81 -1.44
C ALA A 252 18.69 -0.42 -1.56
N TYR A 253 19.54 -0.96 -0.67
CA TYR A 253 20.95 -0.62 -0.66
C TYR A 253 21.78 -1.89 -0.75
N GLU A 254 23.04 -1.73 -1.14
CA GLU A 254 23.97 -2.83 -1.27
C GLU A 254 25.04 -2.72 -0.18
N THR A 255 25.28 -3.83 0.49
CA THR A 255 26.37 -3.96 1.43
C THR A 255 27.41 -4.92 0.87
N LYS A 256 28.67 -4.74 1.28
CA LYS A 256 29.70 -5.71 0.99
C LYS A 256 29.20 -7.10 1.40
N ASP A 257 28.96 -7.95 0.40
CA ASP A 257 28.60 -9.36 0.58
C ASP A 257 27.10 -9.59 0.64
N ALA A 258 26.29 -8.58 0.30
CA ALA A 258 24.85 -8.80 0.31
C ALA A 258 24.13 -7.61 -0.32
N LEU A 259 22.93 -7.89 -0.81
CA LEU A 259 22.02 -6.87 -1.35
C LEU A 259 20.77 -6.85 -0.47
N CYS A 260 20.51 -5.70 0.16
CA CYS A 260 19.45 -5.61 1.15
C CYS A 260 18.19 -4.97 0.60
N LEU A 261 17.06 -5.36 1.17
CA LEU A 261 15.73 -4.82 0.85
C LEU A 261 15.07 -4.47 2.17
N VAL A 262 14.81 -3.19 2.39
CA VAL A 262 14.22 -2.73 3.65
C VAL A 262 12.71 -2.64 3.49
N LEU A 263 11.99 -3.45 4.25
CA LEU A 263 10.55 -3.63 4.07
C LEU A 263 9.79 -3.27 5.33
N THR A 264 8.46 -3.17 5.17
CA THR A 264 7.58 -2.94 6.30
C THR A 264 7.75 -4.03 7.35
N ILE A 265 7.92 -3.63 8.61
CA ILE A 265 8.02 -4.58 9.70
C ILE A 265 6.62 -5.02 10.11
N MET A 266 6.45 -6.31 10.34
CA MET A 266 5.17 -6.91 10.68
C MET A 266 5.36 -7.78 11.91
N ASN A 267 4.87 -7.32 13.05
CA ASN A 267 5.15 -7.94 14.34
C ASN A 267 3.99 -8.75 14.89
N GLY A 268 2.90 -8.89 14.15
CA GLY A 268 1.73 -9.55 14.64
C GLY A 268 1.60 -11.02 14.34
N GLY A 269 2.59 -11.63 13.72
CA GLY A 269 2.51 -13.02 13.31
C GLY A 269 1.79 -13.19 11.98
N ASP A 270 1.86 -14.42 11.47
CA ASP A 270 1.26 -14.73 10.18
C ASP A 270 -0.12 -15.35 10.36
N LEU A 271 -0.87 -15.42 9.26
CA LEU A 271 -2.26 -15.86 9.32
C LEU A 271 -2.37 -17.36 9.54
N LYS A 272 -1.35 -18.14 9.16
CA LYS A 272 -1.38 -19.57 9.43
C LYS A 272 -1.35 -19.84 10.93
N PHE A 273 -0.49 -19.13 11.65
CA PHE A 273 -0.44 -19.28 13.10
C PHE A 273 -1.79 -18.98 13.74
N HIS A 274 -2.45 -17.90 13.31
CA HIS A 274 -3.72 -17.51 13.90
C HIS A 274 -4.88 -18.41 13.51
N ILE A 275 -4.81 -19.05 12.35
CA ILE A 275 -5.85 -20.02 11.98
C ILE A 275 -5.72 -21.28 12.82
N TYR A 276 -4.50 -21.79 12.99
CA TYR A 276 -4.30 -23.11 13.57
C TYR A 276 -3.85 -23.12 15.01
N ASN A 277 -3.06 -22.15 15.45
CA ASN A 277 -2.62 -22.13 16.84
C ASN A 277 -3.57 -21.32 17.72
N MET A 278 -4.01 -20.15 17.26
CA MET A 278 -4.96 -19.32 17.98
C MET A 278 -6.42 -19.66 17.65
N GLY A 279 -6.67 -20.38 16.54
CA GLY A 279 -8.01 -20.59 16.05
C GLY A 279 -8.66 -21.85 16.58
N ASN A 280 -9.74 -22.23 15.91
CA ASN A 280 -10.58 -23.31 16.41
C ASN A 280 -10.18 -24.74 16.07
N PRO A 281 -9.44 -25.01 14.99
CA PRO A 281 -8.84 -24.09 14.00
C PRO A 281 -9.86 -23.38 13.14
N GLY A 282 -9.50 -22.24 12.56
CA GLY A 282 -10.41 -21.45 11.77
C GLY A 282 -10.96 -20.27 12.54
N PHE A 283 -11.60 -19.37 11.81
CA PHE A 283 -12.17 -18.15 12.37
C PHE A 283 -13.67 -18.17 12.21
N GLU A 284 -14.35 -17.32 12.98
CA GLU A 284 -15.72 -16.96 12.66
C GLU A 284 -15.76 -16.29 11.29
N GLU A 285 -16.89 -16.45 10.58
CA GLU A 285 -17.01 -15.90 9.24
C GLU A 285 -16.75 -14.41 9.21
N GLU A 286 -17.35 -13.66 10.16
CA GLU A 286 -17.17 -12.21 10.17
C GLU A 286 -15.70 -11.84 10.32
N ARG A 287 -14.96 -12.60 11.12
CA ARG A 287 -13.53 -12.31 11.26
C ARG A 287 -12.77 -12.63 9.98
N ALA A 288 -13.08 -13.77 9.35
CA ALA A 288 -12.46 -14.09 8.06
C ALA A 288 -12.84 -13.05 7.01
N LEU A 289 -14.07 -12.56 7.05
CA LEU A 289 -14.51 -11.47 6.18
C LEU A 289 -13.52 -10.32 6.21
N PHE A 290 -13.11 -9.91 7.40
CA PHE A 290 -12.25 -8.75 7.53
C PHE A 290 -10.90 -8.99 6.84
N TYR A 291 -10.27 -10.14 7.12
CA TYR A 291 -9.00 -10.44 6.48
C TYR A 291 -9.14 -10.63 4.97
N ALA A 292 -10.23 -11.26 4.52
CA ALA A 292 -10.45 -11.40 3.09
C ALA A 292 -10.54 -10.04 2.41
N ALA A 293 -11.28 -9.12 3.02
CA ALA A 293 -11.43 -7.78 2.44
C ALA A 293 -10.08 -7.11 2.25
N GLU A 294 -9.22 -7.17 3.27
CA GLU A 294 -7.92 -6.53 3.17
C GLU A 294 -7.00 -7.27 2.19
N ILE A 295 -7.05 -8.60 2.18
CA ILE A 295 -6.25 -9.34 1.20
C ILE A 295 -6.70 -9.01 -0.22
N LEU A 296 -8.01 -8.86 -0.43
CA LEU A 296 -8.52 -8.51 -1.74
C LEU A 296 -8.07 -7.12 -2.17
N CYS A 297 -7.98 -6.18 -1.22
CA CYS A 297 -7.48 -4.85 -1.56
C CYS A 297 -6.00 -4.89 -1.90
N GLY A 298 -5.21 -5.69 -1.17
CA GLY A 298 -3.83 -5.90 -1.57
C GLY A 298 -3.73 -6.43 -3.00
N LEU A 299 -4.47 -7.50 -3.30
CA LEU A 299 -4.42 -8.07 -4.64
C LEU A 299 -4.83 -7.03 -5.69
N GLU A 300 -5.81 -6.19 -5.35
CA GLU A 300 -6.25 -5.19 -6.30
C GLU A 300 -5.15 -4.17 -6.58
N ASP A 301 -4.39 -3.79 -5.53
CA ASP A 301 -3.30 -2.84 -5.73
C ASP A 301 -2.20 -3.46 -6.59
N LEU A 302 -1.91 -4.75 -6.39
CA LEU A 302 -0.94 -5.43 -7.23
C LEU A 302 -1.41 -5.45 -8.68
N HIS A 303 -2.69 -5.78 -8.89
CA HIS A 303 -3.20 -5.91 -10.25
C HIS A 303 -3.23 -4.57 -10.98
N ARG A 304 -3.31 -3.46 -10.25
CA ARG A 304 -3.19 -2.15 -10.89
C ARG A 304 -1.88 -2.06 -11.67
N GLU A 305 -0.80 -2.62 -11.12
CA GLU A 305 0.47 -2.76 -11.83
C GLU A 305 0.53 -4.04 -12.65
N ASN A 306 -0.62 -4.59 -13.02
CA ASN A 306 -0.70 -5.83 -13.78
C ASN A 306 0.35 -6.85 -13.33
N THR A 307 0.44 -7.00 -12.01
CA THR A 307 1.41 -7.89 -11.38
C THR A 307 0.66 -9.00 -10.67
N VAL A 308 1.02 -10.24 -10.96
CA VAL A 308 0.37 -11.42 -10.38
C VAL A 308 1.24 -11.93 -9.24
N TYR A 309 0.60 -12.23 -8.11
CA TYR A 309 1.31 -12.57 -6.87
C TYR A 309 1.74 -14.03 -6.85
N ARG A 310 0.78 -14.94 -7.00
CA ARG A 310 0.97 -16.37 -7.21
C ARG A 310 1.44 -17.15 -6.00
N ASN A 311 1.57 -16.51 -4.83
CA ASN A 311 2.09 -17.19 -3.65
C ASN A 311 1.13 -17.05 -2.48
N LEU A 312 -0.16 -17.01 -2.77
CA LEU A 312 -1.18 -16.72 -1.76
C LEU A 312 -1.41 -17.95 -0.90
N LYS A 313 -0.90 -17.92 0.33
CA LYS A 313 -1.10 -18.98 1.31
C LYS A 313 -1.06 -18.36 2.70
N PRO A 314 -1.69 -18.98 3.68
CA PRO A 314 -1.91 -18.28 4.96
C PRO A 314 -0.64 -17.76 5.61
N GLU A 315 0.48 -18.44 5.44
CA GLU A 315 1.71 -18.05 6.12
C GLU A 315 2.38 -16.84 5.48
N ASN A 316 1.93 -16.43 4.31
CA ASN A 316 2.42 -15.22 3.68
C ASN A 316 1.59 -13.99 4.01
N ILE A 317 0.44 -14.17 4.66
CA ILE A 317 -0.36 -13.04 5.13
C ILE A 317 0.09 -12.70 6.55
N LEU A 318 0.69 -11.54 6.72
CA LEU A 318 1.24 -11.14 8.01
C LEU A 318 0.34 -10.10 8.67
N LEU A 319 0.43 -10.03 10.00
CA LEU A 319 -0.29 -9.03 10.78
C LEU A 319 0.71 -8.04 11.36
N ASP A 320 0.27 -6.80 11.50
CA ASP A 320 1.09 -5.75 12.08
C ASP A 320 0.70 -5.54 13.54
N ASP A 321 1.17 -4.44 14.13
CA ASP A 321 0.90 -4.20 15.55
C ASP A 321 -0.58 -3.91 15.81
N TYR A 322 -1.29 -3.40 14.81
CA TYR A 322 -2.68 -2.99 15.00
C TYR A 322 -3.68 -4.09 14.74
N GLY A 323 -3.27 -5.17 14.07
CA GLY A 323 -4.18 -6.23 13.68
C GLY A 323 -4.52 -6.26 12.21
N HIS A 324 -4.07 -5.27 11.44
CA HIS A 324 -4.25 -5.30 9.99
C HIS A 324 -3.23 -6.22 9.34
N ILE A 325 -3.53 -6.64 8.11
CA ILE A 325 -2.70 -7.61 7.42
C ILE A 325 -2.04 -6.95 6.22
N ARG A 326 -0.94 -7.56 5.78
CA ARG A 326 -0.31 -7.22 4.52
C ARG A 326 0.15 -8.49 3.85
N ILE A 327 0.09 -8.51 2.52
CA ILE A 327 0.66 -9.60 1.73
C ILE A 327 2.17 -9.47 1.73
N SER A 328 2.87 -10.58 1.95
CA SER A 328 4.33 -10.58 2.00
C SER A 328 4.86 -11.68 1.09
N ASP A 329 6.18 -11.65 0.90
CA ASP A 329 6.89 -12.63 0.08
C ASP A 329 6.46 -12.54 -1.40
N LEU A 330 6.98 -11.51 -2.04
CA LEU A 330 6.68 -11.28 -3.44
C LEU A 330 7.74 -11.86 -4.35
N GLY A 331 8.50 -12.84 -3.86
CA GLY A 331 9.56 -13.44 -4.66
C GLY A 331 9.08 -14.27 -5.83
N LEU A 332 7.83 -14.71 -5.80
CA LEU A 332 7.23 -15.43 -6.92
C LEU A 332 6.29 -14.56 -7.72
N ALA A 333 6.42 -13.24 -7.60
CA ALA A 333 5.53 -12.30 -8.28
C ALA A 333 6.21 -11.79 -9.55
N VAL A 334 5.39 -11.53 -10.57
CA VAL A 334 5.88 -11.14 -11.88
C VAL A 334 4.97 -10.07 -12.47
N LYS A 335 5.57 -9.13 -13.19
CA LYS A 335 4.82 -8.05 -13.83
C LYS A 335 4.41 -8.52 -15.21
N ILE A 336 3.12 -8.68 -15.42
CA ILE A 336 2.60 -9.20 -16.69
C ILE A 336 2.51 -8.05 -17.68
N PRO A 337 3.07 -8.18 -18.89
CA PRO A 337 2.83 -7.16 -19.91
C PRO A 337 1.36 -7.10 -20.29
N GLU A 338 0.81 -5.89 -20.31
CA GLU A 338 -0.61 -5.71 -20.62
C GLU A 338 -0.93 -6.33 -21.97
N GLY A 339 -1.90 -7.24 -21.99
CA GLY A 339 -2.29 -7.95 -23.20
C GLY A 339 -1.62 -9.27 -23.41
N ASP A 340 -0.65 -9.62 -22.57
CA ASP A 340 0.10 -10.86 -22.71
C ASP A 340 -0.17 -11.77 -21.52
N LEU A 341 -0.01 -13.07 -21.73
CA LEU A 341 -0.09 -14.07 -20.68
C LEU A 341 1.31 -14.60 -20.39
N ILE A 342 1.41 -15.41 -19.34
CA ILE A 342 2.69 -15.95 -18.91
C ILE A 342 2.53 -17.42 -18.60
N ARG A 343 3.66 -18.12 -18.56
CA ARG A 343 3.71 -19.50 -18.09
C ARG A 343 4.56 -19.59 -16.85
N GLY A 344 4.29 -20.61 -16.03
CA GLY A 344 5.07 -20.80 -14.83
C GLY A 344 4.39 -21.69 -13.81
N ARG A 345 4.78 -22.97 -13.76
CA ARG A 345 4.30 -23.90 -12.75
C ARG A 345 5.10 -23.61 -11.49
N VAL A 346 4.60 -22.68 -10.67
CA VAL A 346 5.28 -22.24 -9.45
C VAL A 346 4.26 -22.13 -8.33
N GLY A 347 4.78 -22.04 -7.11
CA GLY A 347 3.96 -21.84 -5.93
C GLY A 347 4.19 -22.94 -4.90
N THR A 348 3.14 -23.21 -4.13
CA THR A 348 3.17 -24.19 -3.06
C THR A 348 2.13 -25.27 -3.32
N VAL A 349 2.52 -26.53 -3.06
CA VAL A 349 1.56 -27.62 -3.19
C VAL A 349 0.31 -27.31 -2.39
N GLY A 350 -0.83 -27.41 -3.04
CA GLY A 350 -2.11 -27.16 -2.40
C GLY A 350 -2.69 -25.80 -2.67
N TYR A 351 -1.86 -24.85 -3.11
CA TYR A 351 -2.30 -23.48 -3.34
C TYR A 351 -1.99 -23.03 -4.78
N MET A 352 -1.91 -23.98 -5.70
CA MET A 352 -1.71 -23.68 -7.11
C MET A 352 -3.03 -23.87 -7.86
N ALA A 353 -3.43 -22.84 -8.61
CA ALA A 353 -4.65 -22.90 -9.38
C ALA A 353 -4.52 -23.93 -10.51
N PRO A 354 -5.66 -24.41 -11.03
CA PRO A 354 -5.58 -25.43 -12.09
C PRO A 354 -4.75 -24.98 -13.29
N GLU A 355 -4.97 -23.76 -13.79
CA GLU A 355 -4.24 -23.31 -14.97
C GLU A 355 -2.74 -23.29 -14.71
N VAL A 356 -2.34 -23.16 -13.44
CA VAL A 356 -0.92 -23.19 -13.10
C VAL A 356 -0.40 -24.62 -13.06
N LEU A 357 -1.15 -25.52 -12.44
CA LEU A 357 -0.76 -26.93 -12.43
C LEU A 357 -0.56 -27.47 -13.82
N ASN A 358 -1.46 -27.12 -14.74
CA ASN A 358 -1.37 -27.57 -16.12
C ASN A 358 -0.31 -26.83 -16.93
N ASN A 359 0.44 -25.94 -16.28
CA ASN A 359 1.53 -25.22 -16.96
C ASN A 359 1.01 -24.49 -18.20
N GLN A 360 -0.13 -23.83 -18.05
CA GLN A 360 -0.77 -23.11 -19.15
C GLN A 360 -0.44 -21.62 -19.05
N ARG A 361 -0.78 -20.89 -20.11
CA ARG A 361 -0.63 -19.44 -20.13
C ARG A 361 -1.81 -18.83 -19.39
N TYR A 362 -1.53 -18.11 -18.31
CA TYR A 362 -2.54 -17.51 -17.46
C TYR A 362 -2.22 -16.04 -17.24
N GLY A 363 -3.09 -15.36 -16.51
CA GLY A 363 -2.86 -13.98 -16.16
C GLY A 363 -2.94 -13.77 -14.65
N LEU A 364 -3.89 -12.95 -14.21
CA LEU A 364 -4.07 -12.69 -12.79
C LEU A 364 -4.92 -13.74 -12.09
N SER A 365 -5.49 -14.69 -12.85
CA SER A 365 -6.47 -15.60 -12.27
C SER A 365 -5.92 -16.42 -11.10
N PRO A 366 -4.66 -16.84 -11.07
CA PRO A 366 -4.20 -17.61 -9.90
C PRO A 366 -4.44 -16.93 -8.58
N ASP A 367 -4.42 -15.60 -8.56
CA ASP A 367 -4.57 -14.89 -7.29
C ASP A 367 -6.00 -14.96 -6.75
N TYR A 368 -7.00 -14.95 -7.62
CA TYR A 368 -8.37 -15.11 -7.13
C TYR A 368 -8.66 -16.54 -6.72
N TRP A 369 -8.00 -17.52 -7.35
CA TRP A 369 -8.02 -18.88 -6.81
C TRP A 369 -7.45 -18.90 -5.40
N GLY A 370 -6.28 -18.29 -5.21
CA GLY A 370 -5.68 -18.28 -3.90
C GLY A 370 -6.57 -17.61 -2.86
N LEU A 371 -7.25 -16.54 -3.27
CA LEU A 371 -8.19 -15.89 -2.37
C LEU A 371 -9.27 -16.87 -1.93
N GLY A 372 -9.83 -17.64 -2.88
CA GLY A 372 -10.78 -18.68 -2.52
C GLY A 372 -10.19 -19.64 -1.51
N CYS A 373 -8.97 -20.12 -1.77
CA CYS A 373 -8.31 -21.01 -0.82
C CYS A 373 -8.21 -20.39 0.58
N LEU A 374 -7.86 -19.10 0.66
CA LEU A 374 -7.68 -18.43 1.95
C LEU A 374 -9.00 -18.24 2.69
N ILE A 375 -10.05 -17.80 2.00
CA ILE A 375 -11.35 -17.63 2.64
C ILE A 375 -11.85 -18.98 3.17
N TYR A 376 -11.77 -20.00 2.33
CA TYR A 376 -12.19 -21.33 2.75
C TYR A 376 -11.41 -21.78 3.98
N GLU A 377 -10.08 -21.68 3.91
CA GLU A 377 -9.24 -22.17 4.99
C GLU A 377 -9.46 -21.38 6.26
N MET A 378 -9.70 -20.08 6.13
CA MET A 378 -9.98 -19.27 7.31
C MET A 378 -11.26 -19.73 8.01
N ILE A 379 -12.29 -20.03 7.22
CA ILE A 379 -13.58 -20.36 7.80
C ILE A 379 -13.59 -21.78 8.32
N GLU A 380 -13.09 -22.74 7.52
CA GLU A 380 -13.25 -24.16 7.85
C GLU A 380 -12.11 -24.70 8.70
N GLY A 381 -10.98 -24.01 8.78
CA GLY A 381 -9.87 -24.55 9.55
C GLY A 381 -9.09 -25.64 8.87
N GLN A 382 -9.17 -25.73 7.54
CA GLN A 382 -8.40 -26.69 6.77
C GLN A 382 -8.52 -26.32 5.31
N SER A 383 -7.58 -26.84 4.51
CA SER A 383 -7.57 -26.58 3.08
C SER A 383 -8.74 -27.27 2.41
N PRO A 384 -9.28 -26.68 1.34
CA PRO A 384 -10.46 -27.27 0.68
C PRO A 384 -10.18 -28.57 -0.06
N PHE A 385 -8.92 -28.94 -0.25
CA PHE A 385 -8.56 -30.14 -1.00
C PHE A 385 -7.66 -31.07 -0.20
N ARG A 386 -7.39 -30.76 1.06
CA ARG A 386 -6.59 -31.62 1.92
C ARG A 386 -7.11 -31.45 3.34
N GLY A 387 -7.49 -32.54 3.98
CA GLY A 387 -7.93 -32.48 5.35
C GLY A 387 -6.79 -32.16 6.30
N ARG A 388 -7.12 -31.41 7.35
CA ARG A 388 -6.12 -31.06 8.35
C ARG A 388 -5.50 -32.32 8.94
N LYS A 389 -6.31 -33.35 9.14
CA LYS A 389 -5.86 -34.62 9.69
C LYS A 389 -5.70 -35.70 8.62
N GLU A 390 -5.38 -35.31 7.39
CA GLU A 390 -5.26 -36.23 6.27
C GLU A 390 -3.81 -36.31 5.84
N LYS A 391 -3.34 -37.53 5.58
CA LYS A 391 -2.00 -37.78 5.08
C LYS A 391 -2.14 -38.21 3.61
N VAL A 392 -1.77 -37.31 2.70
CA VAL A 392 -1.97 -37.52 1.27
C VAL A 392 -0.69 -37.15 0.54
N LYS A 393 -0.56 -37.66 -0.68
CA LYS A 393 0.59 -37.41 -1.52
C LYS A 393 0.35 -36.16 -2.38
N ARG A 394 1.45 -35.50 -2.74
CA ARG A 394 1.35 -34.30 -3.56
C ARG A 394 0.47 -34.53 -4.78
N GLU A 395 0.47 -35.75 -5.32
CA GLU A 395 -0.23 -36.03 -6.57
C GLU A 395 -1.72 -36.14 -6.37
N GLU A 396 -2.16 -36.75 -5.26
CA GLU A 396 -3.59 -36.80 -4.96
C GLU A 396 -4.14 -35.41 -4.67
N VAL A 397 -3.37 -34.59 -3.98
CA VAL A 397 -3.80 -33.21 -3.74
C VAL A 397 -4.04 -32.50 -5.07
N ASP A 398 -3.14 -32.68 -6.03
CA ASP A 398 -3.28 -32.01 -7.32
C ASP A 398 -4.50 -32.51 -8.08
N ARG A 399 -4.74 -33.82 -8.07
CA ARG A 399 -5.91 -34.36 -8.74
C ARG A 399 -7.18 -33.71 -8.21
N ARG A 400 -7.32 -33.63 -6.89
CA ARG A 400 -8.52 -33.00 -6.31
C ARG A 400 -8.69 -31.57 -6.81
N VAL A 401 -7.59 -30.82 -6.88
CA VAL A 401 -7.66 -29.44 -7.35
C VAL A 401 -8.19 -29.38 -8.77
N LEU A 402 -7.85 -30.37 -9.59
CA LEU A 402 -8.28 -30.37 -10.98
C LEU A 402 -9.62 -31.04 -11.19
N GLU A 403 -9.97 -32.00 -10.33
CA GLU A 403 -11.13 -32.85 -10.57
C GLU A 403 -12.21 -32.74 -9.50
N THR A 404 -11.83 -32.62 -8.24
CA THR A 404 -12.77 -32.71 -7.14
C THR A 404 -13.39 -31.35 -6.82
N GLU A 405 -14.70 -31.34 -6.62
CA GLU A 405 -15.41 -30.16 -6.13
C GLU A 405 -15.33 -30.12 -4.61
N GLU A 406 -14.90 -28.98 -4.08
CA GLU A 406 -14.81 -28.83 -2.63
C GLU A 406 -16.21 -28.82 -2.02
N VAL A 407 -16.29 -29.31 -0.78
CA VAL A 407 -17.54 -29.38 -0.03
C VAL A 407 -17.49 -28.36 1.10
N TYR A 408 -18.65 -27.81 1.43
CA TYR A 408 -18.77 -26.79 2.45
C TYR A 408 -19.57 -27.32 3.62
N SER A 409 -19.56 -26.55 4.71
CA SER A 409 -20.21 -26.97 5.94
C SER A 409 -21.11 -25.85 6.46
N HIS A 410 -21.69 -26.04 7.66
CA HIS A 410 -22.52 -25.02 8.27
C HIS A 410 -21.72 -23.84 8.81
N LYS A 411 -20.39 -23.91 8.79
CA LYS A 411 -19.60 -22.75 9.15
C LYS A 411 -19.74 -21.65 8.11
N PHE A 412 -20.09 -22.01 6.87
CA PHE A 412 -20.21 -21.06 5.77
C PHE A 412 -21.66 -20.63 5.65
N SER A 413 -21.90 -19.32 5.68
CA SER A 413 -23.18 -18.82 5.20
C SER A 413 -23.31 -19.11 3.70
N GLU A 414 -24.54 -18.97 3.19
CA GLU A 414 -24.75 -19.14 1.75
C GLU A 414 -23.86 -18.18 0.95
N GLU A 415 -23.75 -16.93 1.42
CA GLU A 415 -22.88 -15.98 0.74
C GLU A 415 -21.43 -16.43 0.76
N ALA A 416 -20.96 -16.95 1.91
CA ALA A 416 -19.58 -17.43 1.98
C ALA A 416 -19.36 -18.63 1.07
N LYS A 417 -20.31 -19.58 1.04
CA LYS A 417 -20.24 -20.67 0.09
C LYS A 417 -20.11 -20.15 -1.33
N SER A 418 -20.96 -19.18 -1.70
CA SER A 418 -20.96 -18.64 -3.06
C SER A 418 -19.59 -18.10 -3.44
N ILE A 419 -19.10 -17.09 -2.71
CA ILE A 419 -17.84 -16.46 -3.10
C ILE A 419 -16.75 -17.50 -3.21
N CYS A 420 -16.74 -18.48 -2.29
CA CYS A 420 -15.68 -19.47 -2.30
C CYS A 420 -15.71 -20.33 -3.55
N LYS A 421 -16.89 -20.87 -3.89
CA LYS A 421 -16.97 -21.76 -5.05
C LYS A 421 -16.85 -20.97 -6.36
N MET A 422 -17.24 -19.70 -6.36
CA MET A 422 -17.03 -18.87 -7.55
C MET A 422 -15.57 -18.45 -7.70
N LEU A 423 -14.85 -18.27 -6.58
CA LEU A 423 -13.43 -18.03 -6.66
C LEU A 423 -12.66 -19.31 -6.91
N LEU A 424 -13.20 -20.45 -6.47
CA LEU A 424 -12.59 -21.76 -6.70
C LEU A 424 -13.11 -22.42 -7.99
N THR A 425 -13.57 -21.64 -8.95
CA THR A 425 -13.98 -22.18 -10.23
C THR A 425 -12.75 -22.68 -10.99
N LYS A 426 -12.77 -23.95 -11.40
CA LYS A 426 -11.61 -24.54 -12.04
C LYS A 426 -11.26 -23.78 -13.32
N ASP A 427 -12.26 -23.43 -14.12
CA ASP A 427 -12.02 -22.72 -15.37
C ASP A 427 -11.75 -21.26 -15.08
N ALA A 428 -10.53 -20.80 -15.36
CA ALA A 428 -10.16 -19.42 -15.06
C ALA A 428 -11.00 -18.42 -15.82
N LYS A 429 -11.72 -18.84 -16.86
CA LYS A 429 -12.54 -17.89 -17.60
C LYS A 429 -13.83 -17.53 -16.87
N GLN A 430 -14.39 -18.46 -16.09
CA GLN A 430 -15.60 -18.20 -15.33
C GLN A 430 -15.31 -17.89 -13.87
N ARG A 431 -14.05 -17.76 -13.49
CA ARG A 431 -13.69 -17.52 -12.10
C ARG A 431 -13.93 -16.07 -11.72
N LEU A 432 -14.43 -15.86 -10.51
CA LEU A 432 -14.78 -14.53 -10.05
C LEU A 432 -13.57 -13.61 -10.08
N GLY A 433 -13.79 -12.38 -10.51
CA GLY A 433 -12.74 -11.39 -10.57
C GLY A 433 -11.77 -11.53 -11.72
N CYS A 434 -11.84 -12.61 -12.47
CA CYS A 434 -10.97 -12.82 -13.62
C CYS A 434 -11.56 -12.29 -14.91
N GLN A 435 -12.63 -11.50 -14.82
CA GLN A 435 -13.20 -10.84 -15.99
C GLN A 435 -12.47 -9.50 -16.19
N GLU A 436 -12.95 -8.69 -17.13
CA GLU A 436 -12.36 -7.38 -17.33
C GLU A 436 -12.66 -6.42 -16.19
N GLU A 437 -13.70 -6.71 -15.38
CA GLU A 437 -14.02 -5.85 -14.25
C GLU A 437 -13.03 -5.99 -13.10
N GLY A 438 -12.32 -7.11 -13.02
CA GLY A 438 -11.27 -7.24 -12.05
C GLY A 438 -11.79 -7.44 -10.63
N ALA A 439 -11.06 -6.88 -9.67
CA ALA A 439 -11.41 -7.04 -8.27
C ALA A 439 -12.73 -6.37 -7.90
N ALA A 440 -13.17 -5.37 -8.68
CA ALA A 440 -14.45 -4.75 -8.39
C ALA A 440 -15.58 -5.76 -8.41
N GLU A 441 -15.50 -6.77 -9.28
CA GLU A 441 -16.52 -7.80 -9.30
C GLU A 441 -16.55 -8.60 -8.00
N VAL A 442 -15.42 -8.66 -7.29
CA VAL A 442 -15.35 -9.44 -6.06
C VAL A 442 -15.87 -8.61 -4.88
N LYS A 443 -15.58 -7.30 -4.88
CA LYS A 443 -16.07 -6.47 -3.79
C LYS A 443 -17.59 -6.35 -3.83
N ARG A 444 -18.20 -6.52 -4.99
CA ARG A 444 -19.64 -6.46 -5.14
C ARG A 444 -20.33 -7.74 -4.70
N HIS A 445 -19.59 -8.79 -4.37
CA HIS A 445 -20.20 -10.07 -4.08
C HIS A 445 -20.98 -10.00 -2.78
N PRO A 446 -22.13 -10.68 -2.69
CA PRO A 446 -22.93 -10.64 -1.45
C PRO A 446 -22.15 -11.03 -0.21
N PHE A 447 -20.99 -11.67 -0.35
CA PHE A 447 -20.20 -12.05 0.82
C PHE A 447 -19.64 -10.83 1.54
N PHE A 448 -19.35 -9.76 0.80
CA PHE A 448 -18.91 -8.49 1.36
C PHE A 448 -20.05 -7.49 1.50
N ARG A 449 -21.30 -7.96 1.48
CA ARG A 449 -22.44 -7.05 1.51
C ARG A 449 -22.41 -6.11 2.72
N ASN A 450 -21.87 -6.56 3.85
CA ASN A 450 -21.80 -5.74 5.06
C ASN A 450 -20.46 -5.03 5.20
N MET A 451 -19.62 -5.06 4.18
CA MET A 451 -18.27 -4.51 4.25
C MET A 451 -18.24 -3.19 3.48
N ASN A 452 -17.83 -2.12 4.16
CA ASN A 452 -17.68 -0.81 3.56
C ASN A 452 -16.20 -0.64 3.23
N PHE A 453 -15.87 -0.81 1.95
CA PHE A 453 -14.45 -0.80 1.55
C PHE A 453 -13.83 0.59 1.65
N LYS A 454 -14.62 1.64 1.48
CA LYS A 454 -14.10 2.99 1.71
C LYS A 454 -13.54 3.12 3.11
N ARG A 455 -14.30 2.68 4.12
CA ARG A 455 -13.84 2.82 5.50
C ARG A 455 -12.70 1.87 5.79
N LEU A 456 -12.70 0.68 5.16
CA LEU A 456 -11.60 -0.26 5.34
C LEU A 456 -10.31 0.29 4.74
N GLU A 457 -10.38 0.77 3.50
CA GLU A 457 -9.19 1.35 2.88
C GLU A 457 -8.65 2.54 3.65
N ALA A 458 -9.49 3.21 4.43
CA ALA A 458 -9.07 4.32 5.26
C ALA A 458 -8.59 3.92 6.64
N GLY A 459 -8.71 2.64 7.00
CA GLY A 459 -8.25 2.16 8.28
C GLY A 459 -9.15 2.44 9.45
N MET A 460 -10.45 2.68 9.20
CA MET A 460 -11.38 3.05 10.25
C MET A 460 -12.18 1.89 10.82
N LEU A 461 -11.99 0.67 10.30
CA LEU A 461 -12.67 -0.50 10.82
C LEU A 461 -11.71 -1.22 11.77
N ASP A 462 -12.16 -1.43 13.01
CA ASP A 462 -11.31 -2.09 14.00
C ASP A 462 -11.03 -3.53 13.61
N PRO A 463 -9.77 -3.96 13.55
CA PRO A 463 -9.47 -5.37 13.29
C PRO A 463 -10.09 -6.25 14.36
N PRO A 464 -10.29 -7.54 14.07
CA PRO A 464 -10.88 -8.43 15.06
C PRO A 464 -9.90 -8.96 16.10
N PHE A 465 -8.60 -8.85 15.85
CA PHE A 465 -7.59 -9.31 16.79
C PHE A 465 -6.44 -8.33 16.79
N VAL A 466 -6.07 -7.87 17.98
CA VAL A 466 -4.97 -6.92 18.15
C VAL A 466 -3.82 -7.67 18.81
N PRO A 467 -2.69 -7.88 18.13
CA PRO A 467 -1.53 -8.47 18.81
C PRO A 467 -1.08 -7.63 19.99
N ASP A 468 -0.55 -8.32 21.01
CA ASP A 468 -0.02 -7.62 22.17
C ASP A 468 1.39 -7.10 21.87
N PRO A 469 1.72 -5.88 22.31
CA PRO A 469 3.03 -5.32 21.96
C PRO A 469 4.19 -6.19 22.39
N ARG A 470 4.03 -6.93 23.49
CA ARG A 470 5.08 -7.76 24.05
C ARG A 470 5.08 -9.18 23.48
N ALA A 471 4.16 -9.48 22.56
CA ALA A 471 4.01 -10.85 22.08
C ALA A 471 5.18 -11.26 21.20
N VAL A 472 5.46 -12.57 21.19
CA VAL A 472 6.53 -13.15 20.39
C VAL A 472 5.99 -14.45 19.79
N TYR A 473 5.54 -14.37 18.53
CA TYR A 473 4.77 -15.46 17.95
C TYR A 473 5.65 -16.58 17.42
N CYS A 474 6.74 -16.24 16.73
CA CYS A 474 7.65 -17.20 16.13
C CYS A 474 7.40 -18.67 16.44
N ASN A 490 33.18 -13.33 -8.51
CA ASN A 490 33.43 -12.62 -7.26
C ASN A 490 33.82 -11.17 -7.55
N LEU A 491 34.94 -10.99 -8.25
CA LEU A 491 35.41 -9.67 -8.66
C LEU A 491 34.96 -9.32 -10.08
N ASP A 492 34.00 -10.04 -10.64
CA ASP A 492 33.54 -9.75 -11.99
C ASP A 492 32.99 -8.34 -12.07
N HIS A 493 32.98 -7.80 -13.29
CA HIS A 493 32.47 -6.46 -13.54
C HIS A 493 31.01 -6.46 -13.98
N THR A 494 30.55 -7.54 -14.65
CA THR A 494 29.14 -7.61 -15.02
C THR A 494 28.25 -7.61 -13.78
N ASP A 495 28.74 -8.15 -12.66
CA ASP A 495 28.01 -8.03 -11.41
C ASP A 495 27.92 -6.58 -10.96
N ASP A 496 28.94 -5.78 -11.26
CA ASP A 496 28.93 -4.37 -10.87
C ASP A 496 27.71 -3.66 -11.44
N ASP A 497 27.30 -4.01 -12.66
CA ASP A 497 26.14 -3.37 -13.25
C ASP A 497 24.85 -3.80 -12.57
N PHE A 498 24.80 -5.04 -12.08
CA PHE A 498 23.58 -5.54 -11.44
C PHE A 498 23.34 -4.85 -10.10
N TYR A 499 24.40 -4.52 -9.36
CA TYR A 499 24.21 -3.78 -8.13
C TYR A 499 23.72 -2.36 -8.42
N SER A 500 24.20 -1.76 -9.51
CA SER A 500 23.86 -0.38 -9.82
C SER A 500 22.38 -0.23 -10.16
N LYS A 501 21.79 -1.25 -10.78
CA LYS A 501 20.37 -1.20 -11.12
C LYS A 501 19.49 -1.53 -9.92
N PHE A 502 19.99 -2.31 -8.97
CA PHE A 502 19.22 -2.74 -7.81
C PHE A 502 19.33 -1.75 -6.66
N SER A 503 20.55 -1.48 -6.20
CA SER A 503 20.78 -0.57 -5.09
C SER A 503 20.44 0.86 -5.46
N THR A 504 19.15 1.15 -5.62
CA THR A 504 18.67 2.47 -6.02
C THR A 504 18.45 3.40 -4.83
N GLY A 505 18.60 2.92 -3.61
CA GLY A 505 18.44 3.78 -2.46
C GLY A 505 17.01 3.91 -1.98
N SER A 506 16.68 5.07 -1.42
CA SER A 506 15.39 5.26 -0.78
C SER A 506 14.26 5.27 -1.80
N VAL A 507 13.11 4.77 -1.38
CA VAL A 507 11.88 4.86 -2.17
C VAL A 507 11.13 6.10 -1.74
N SER A 508 10.57 6.83 -2.70
CA SER A 508 10.16 8.21 -2.47
C SER A 508 8.98 8.29 -1.49
N ILE A 509 7.84 7.70 -1.86
CA ILE A 509 6.65 7.82 -1.01
C ILE A 509 6.89 7.20 0.36
N PRO A 510 7.46 6.01 0.50
CA PRO A 510 7.74 5.48 1.85
C PRO A 510 8.69 6.35 2.66
N TRP A 511 9.73 6.89 2.03
CA TRP A 511 10.67 7.74 2.74
C TRP A 511 9.96 8.97 3.32
N GLN A 512 9.18 9.66 2.49
CA GLN A 512 8.47 10.85 2.97
C GLN A 512 7.52 10.49 4.11
N ASN A 513 6.83 9.35 4.00
CA ASN A 513 5.97 8.91 5.09
C ASN A 513 6.78 8.64 6.35
N GLU A 514 7.99 8.08 6.21
CA GLU A 514 8.82 7.84 7.37
C GLU A 514 9.12 9.14 8.10
N MET A 515 9.47 10.19 7.34
CA MET A 515 9.76 11.49 7.94
C MET A 515 8.55 12.03 8.68
N ILE A 516 7.34 11.77 8.17
CA ILE A 516 6.13 12.28 8.81
C ILE A 516 5.80 11.47 10.05
N GLU A 517 5.82 10.14 9.94
CA GLU A 517 5.50 9.29 11.08
C GLU A 517 6.39 9.62 12.27
N THR A 518 7.70 9.76 12.05
CA THR A 518 8.64 9.98 13.14
C THR A 518 8.66 11.43 13.63
N GLU A 519 7.81 12.30 13.06
CA GLU A 519 7.77 13.71 13.40
C GLU A 519 9.08 14.43 13.10
N CYS A 520 9.94 13.81 12.27
CA CYS A 520 11.09 14.56 11.76
C CYS A 520 10.64 15.72 10.88
N PHE A 521 9.57 15.52 10.11
CA PHE A 521 9.06 16.59 9.27
C PHE A 521 8.50 17.73 10.11
N LYS A 522 7.61 17.42 11.05
CA LYS A 522 7.02 18.46 11.89
C LYS A 522 8.10 19.26 12.59
N GLU A 523 9.15 18.59 13.04
CA GLU A 523 10.17 19.28 13.82
C GLU A 523 11.08 20.12 12.95
N LEU A 524 11.51 19.59 11.80
CA LEU A 524 12.46 20.31 10.98
C LEU A 524 11.78 21.33 10.08
N ASN A 525 10.53 21.08 9.69
CA ASN A 525 9.85 21.92 8.70
C ASN A 525 9.39 23.23 9.35
N VAL A 526 10.37 24.06 9.69
CA VAL A 526 10.14 25.33 10.37
C VAL A 526 10.64 26.45 9.48
N PHE A 527 9.82 27.47 9.31
CA PHE A 527 10.17 28.62 8.49
C PHE A 527 10.58 29.78 9.40
N GLY A 528 10.60 30.99 8.85
CA GLY A 528 10.96 32.16 9.61
C GLY A 528 9.78 32.70 10.39
N PRO A 529 10.06 33.43 11.48
CA PRO A 529 8.96 33.91 12.33
C PRO A 529 8.10 34.93 11.57
N ASN A 530 6.79 34.74 11.66
CA ASN A 530 5.82 35.59 10.99
C ASN A 530 5.98 35.55 9.48
N GLY A 531 5.99 34.33 8.94
CA GLY A 531 6.01 34.12 7.50
C GLY A 531 7.14 34.82 6.77
N THR A 532 8.34 34.72 7.31
CA THR A 532 9.55 35.22 6.66
C THR A 532 10.42 34.05 6.22
N LEU A 533 11.44 34.36 5.45
CA LEU A 533 12.32 33.30 4.93
C LEU A 533 13.35 32.92 5.98
N PRO A 534 13.51 31.64 6.27
CA PRO A 534 14.61 31.21 7.14
C PRO A 534 15.92 31.22 6.36
N PRO A 535 17.05 31.20 7.08
CA PRO A 535 18.35 31.33 6.37
C PRO A 535 18.54 30.31 5.26
N ASP A 536 18.09 29.07 5.45
CA ASP A 536 18.36 28.02 4.48
C ASP A 536 17.58 28.23 3.18
N LEU A 537 16.53 29.04 3.19
CA LEU A 537 15.75 29.29 1.99
C LEU A 537 15.99 30.67 1.39
N ASN A 538 16.99 31.39 1.88
CA ASN A 538 17.30 32.74 1.43
C ASN A 538 18.61 32.69 0.65
N ARG A 539 18.51 32.84 -0.67
CA ARG A 539 19.68 32.71 -1.53
C ARG A 539 20.77 33.75 -1.24
N ASN A 540 20.52 34.69 -0.33
CA ASN A 540 21.48 35.76 -0.12
C ASN A 540 22.70 35.27 0.64
N HIS A 541 22.50 34.80 1.88
CA HIS A 541 23.62 34.40 2.72
C HIS A 541 23.53 32.92 3.05
N PRO A 542 24.29 32.06 2.34
CA PRO A 542 24.38 30.64 2.72
C PRO A 542 24.90 30.42 4.14
#